data_9QRM
#
_entry.id   9QRM
#
_cell.length_a   70.492
_cell.length_b   70.492
_cell.length_c   205.594
_cell.angle_alpha   90.00
_cell.angle_beta   90.00
_cell.angle_gamma   120.00
#
_symmetry.space_group_name_H-M   'P 3 2 1'
#
loop_
_entity.id
_entity.type
_entity.pdbx_description
1 polymer 'Depolymerase 2, capsule K21-specific'
2 branched '(2~{S},4~{a}~{S},6~{R},7~{S},8~{R},8~{a}~{R})-2-methyl-6,7,8-tris(oxidanyl)-4,4~{a},6,7,8,8~{a}-hexahydropyrano[3,2-d][1,3]dioxine-2-carboxylic acid-(4-4)-beta-D-glucopyranose-(1-3)-alpha-D-mannopyranose-(1-2)-alpha-D-mannopyranose-(1-3)-beta-D-galactopyranose'
3 non-polymer GLYCEROL
4 non-polymer DI(HYDROXYETHYL)ETHER
5 water water
#
_entity_poly.entity_id   1
_entity_poly.type   'polypeptide(L)'
_entity_poly.pdbx_seq_one_letter_code
;MLDNFNQPKGSTIGVLKDGRTIQEAFDSLPRLESFSGSTATDKLRAAITLGVSEVAIGPVEGNGGRPYEFGDVVIPYPLR
IVGCGSQGINVTKGTVLKRSAGASFMFHFTGEGQAQRPMGGGLFNINLNGDTATALGDIIKVTQWSYFKANNCAFQNMAG
WGIRLKDVMESNISGNLFRRLGGPSGGGILFDDVRSAVTDNVNNLHIEDNTFALMSGPWIGSTANSNPDLIWIVRNKFEF
DGTPAAPNTVDSYVLDFQQLSRAFIQDNGFTHFTTERNRYVGVLRVGATAVGTIKFEDNLLFACESAGLIAGGIVVSRGN
VNNQGSATTAIKQFTNTSSKLCKLERVINVQSNGNVSVGQQILPDGYINMAELPGNTRLPSEYDADGETTSVLRVPANTQ
VRQWSVPKMYKDGLTVTKVTVRAKGAAAGAILSLQSGSTVLSTKSIDAGVWKNYVFYVKANQLQETLQLRNTGTADVLAD
GMVFGKVDYIDWDFAIAPGTLAAGAKYTTPNQSYLDVAGMRVQAVSIPMFDGPTTGLQVWVEATSANGSFVVVMKNDTGS
ELVTTVTRCRVRAFVSKGHHHHHH
;
_entity_poly.pdbx_strand_id   B
#
# COMPACT_ATOMS: atom_id res chain seq x y z
N ASP A 18 -62.45 -12.41 -20.37
CA ASP A 18 -61.59 -11.17 -20.23
C ASP A 18 -62.29 -10.19 -19.27
N GLY A 19 -62.75 -9.06 -19.88
CA GLY A 19 -63.47 -8.01 -19.18
C GLY A 19 -63.20 -8.08 -17.68
N ARG A 20 -61.92 -8.12 -17.32
CA ARG A 20 -61.48 -8.29 -15.94
C ARG A 20 -61.69 -6.96 -15.22
N THR A 21 -62.96 -6.50 -15.23
CA THR A 21 -63.39 -5.18 -14.76
C THR A 21 -62.86 -4.07 -15.67
N ILE A 22 -61.96 -4.42 -16.62
CA ILE A 22 -61.37 -3.45 -17.53
C ILE A 22 -60.57 -4.17 -18.62
N GLN A 23 -59.53 -4.92 -18.22
CA GLN A 23 -58.62 -5.58 -19.13
C GLN A 23 -59.17 -6.95 -19.56
N GLU A 24 -58.27 -7.79 -20.09
CA GLU A 24 -58.54 -9.20 -20.33
C GLU A 24 -58.08 -9.98 -19.10
N ALA A 25 -58.45 -11.27 -19.01
CA ALA A 25 -57.82 -12.06 -17.96
C ALA A 25 -56.43 -12.50 -18.41
N PHE A 26 -56.23 -13.83 -18.55
CA PHE A 26 -54.92 -14.43 -18.80
C PHE A 26 -53.80 -13.39 -18.74
N ASP A 27 -53.72 -12.67 -17.60
CA ASP A 27 -52.76 -11.59 -17.40
C ASP A 27 -51.43 -12.15 -16.87
N SER A 28 -50.69 -12.82 -17.77
CA SER A 28 -49.36 -13.27 -17.42
C SER A 28 -48.38 -12.11 -17.50
N LEU A 29 -48.71 -11.04 -16.77
CA LEU A 29 -47.76 -9.98 -16.45
C LEU A 29 -46.80 -10.47 -15.38
N PRO A 30 -47.27 -11.13 -14.28
CA PRO A 30 -46.42 -11.97 -13.44
C PRO A 30 -45.82 -13.18 -14.17
N ARG A 31 -44.93 -12.92 -15.12
CA ARG A 31 -44.23 -13.98 -15.84
C ARG A 31 -43.35 -14.76 -14.87
N LEU A 32 -43.94 -15.80 -14.26
CA LEU A 32 -43.25 -16.83 -13.51
C LEU A 32 -42.62 -17.81 -14.50
N GLU A 33 -41.67 -18.62 -14.00
CA GLU A 33 -41.06 -19.64 -14.87
C GLU A 33 -42.14 -20.47 -15.55
N SER A 34 -43.24 -20.76 -14.81
CA SER A 34 -44.31 -21.64 -15.29
C SER A 34 -44.71 -21.38 -16.74
N PHE A 35 -44.72 -20.12 -17.19
CA PHE A 35 -45.08 -19.94 -18.59
C PHE A 35 -43.82 -19.92 -19.44
N SER A 36 -43.66 -20.97 -20.27
CA SER A 36 -42.49 -21.16 -21.11
C SER A 36 -42.58 -22.42 -21.98
N GLY A 37 -42.15 -23.57 -21.43
CA GLY A 37 -42.03 -24.80 -22.19
C GLY A 37 -41.79 -26.02 -21.26
N SER A 38 -40.98 -27.00 -21.86
CA SER A 38 -40.93 -28.38 -21.40
C SER A 38 -40.46 -28.54 -19.95
N THR A 39 -39.19 -28.20 -19.66
CA THR A 39 -38.54 -28.40 -18.37
C THR A 39 -37.64 -27.21 -17.99
N ALA A 40 -37.37 -27.05 -16.66
CA ALA A 40 -36.69 -25.88 -16.12
C ALA A 40 -35.22 -25.86 -16.59
N THR A 41 -34.96 -25.03 -17.61
CA THR A 41 -33.69 -24.96 -18.33
C THR A 41 -33.99 -25.01 -19.82
N ASP A 42 -34.99 -25.81 -20.21
CA ASP A 42 -35.51 -25.83 -21.58
C ASP A 42 -36.54 -24.72 -21.73
N LYS A 43 -37.11 -24.29 -20.59
CA LYS A 43 -37.94 -23.10 -20.52
C LYS A 43 -37.02 -21.89 -20.77
N LEU A 44 -35.75 -22.07 -20.35
CA LEU A 44 -34.56 -21.54 -21.00
C LEU A 44 -34.88 -20.26 -21.76
N ARG A 45 -35.00 -20.42 -23.08
CA ARG A 45 -35.02 -19.29 -23.99
C ARG A 45 -36.46 -18.98 -24.36
N ALA A 46 -37.41 -19.80 -23.87
CA ALA A 46 -38.80 -19.41 -24.01
C ALA A 46 -38.98 -18.12 -23.22
N ALA A 47 -38.59 -18.17 -21.94
CA ALA A 47 -38.22 -17.00 -21.16
C ALA A 47 -37.47 -16.00 -22.02
N ILE A 48 -36.30 -16.41 -22.54
CA ILE A 48 -35.32 -15.51 -23.11
C ILE A 48 -35.70 -15.09 -24.53
N THR A 49 -36.16 -16.05 -25.36
CA THR A 49 -36.58 -15.77 -26.73
C THR A 49 -37.68 -14.70 -26.74
N LEU A 50 -38.67 -14.84 -25.84
CA LEU A 50 -39.74 -13.85 -25.75
C LEU A 50 -39.18 -12.48 -25.36
N GLY A 51 -37.99 -12.47 -24.74
CA GLY A 51 -37.33 -11.23 -24.36
C GLY A 51 -38.04 -10.56 -23.17
N VAL A 52 -38.59 -11.43 -22.29
CA VAL A 52 -39.25 -10.97 -21.08
C VAL A 52 -38.17 -10.38 -20.18
N SER A 53 -38.57 -9.29 -19.51
CA SER A 53 -37.69 -8.42 -18.74
C SER A 53 -37.45 -9.00 -17.34
N GLU A 54 -38.52 -9.46 -16.69
CA GLU A 54 -38.41 -10.03 -15.36
C GLU A 54 -39.07 -11.40 -15.36
N VAL A 55 -38.42 -12.36 -14.72
CA VAL A 55 -39.03 -13.67 -14.53
C VAL A 55 -39.07 -13.98 -13.05
N ALA A 56 -40.26 -14.27 -12.54
CA ALA A 56 -40.31 -14.70 -11.15
C ALA A 56 -39.87 -16.17 -11.11
N ILE A 57 -39.06 -16.49 -10.10
CA ILE A 57 -38.90 -17.88 -9.70
C ILE A 57 -39.47 -17.99 -8.29
N GLY A 58 -40.41 -18.93 -8.13
CA GLY A 58 -41.10 -19.13 -6.87
C GLY A 58 -40.32 -20.06 -5.95
N PRO A 59 -40.81 -20.30 -4.70
CA PRO A 59 -40.03 -21.02 -3.72
C PRO A 59 -39.91 -22.52 -4.00
N VAL A 60 -39.17 -23.22 -3.13
CA VAL A 60 -38.95 -24.65 -3.22
C VAL A 60 -40.25 -25.45 -3.04
N GLU A 61 -41.38 -24.77 -2.79
CA GLU A 61 -42.64 -25.49 -2.59
C GLU A 61 -43.25 -25.92 -3.93
N GLY A 62 -43.01 -25.13 -4.99
CA GLY A 62 -43.64 -25.37 -6.29
C GLY A 62 -42.82 -26.31 -7.17
N ASN A 63 -41.82 -26.95 -6.56
CA ASN A 63 -40.95 -27.92 -7.24
C ASN A 63 -40.74 -29.08 -6.26
N GLY A 64 -41.69 -29.17 -5.30
CA GLY A 64 -41.88 -30.31 -4.42
C GLY A 64 -40.72 -30.51 -3.44
N GLY A 65 -40.27 -29.42 -2.83
CA GLY A 65 -39.19 -29.48 -1.84
C GLY A 65 -37.80 -29.48 -2.49
N ARG A 66 -37.76 -29.68 -3.81
CA ARG A 66 -36.50 -29.74 -4.54
C ARG A 66 -36.23 -28.36 -5.12
N PRO A 67 -34.95 -27.96 -5.31
CA PRO A 67 -34.64 -26.72 -6.01
C PRO A 67 -34.92 -26.83 -7.51
N TYR A 68 -35.21 -25.70 -8.16
CA TYR A 68 -35.24 -25.72 -9.61
C TYR A 68 -33.80 -25.88 -10.08
N GLU A 69 -33.60 -26.70 -11.11
CA GLU A 69 -32.25 -27.10 -11.49
C GLU A 69 -31.93 -26.57 -12.89
N PHE A 70 -31.11 -25.52 -12.96
CA PHE A 70 -30.72 -24.98 -14.26
C PHE A 70 -29.29 -25.41 -14.61
N GLY A 71 -29.00 -25.43 -15.92
CA GLY A 71 -27.65 -25.60 -16.41
C GLY A 71 -27.46 -24.91 -17.77
N ASP A 72 -26.26 -24.35 -17.97
CA ASP A 72 -25.80 -23.76 -19.23
C ASP A 72 -26.86 -22.86 -19.87
N VAL A 73 -27.60 -22.12 -19.03
CA VAL A 73 -28.57 -21.15 -19.52
C VAL A 73 -27.82 -19.86 -19.85
N VAL A 74 -28.00 -19.37 -21.08
CA VAL A 74 -27.30 -18.19 -21.59
C VAL A 74 -28.28 -17.03 -21.67
N ILE A 75 -27.95 -15.90 -21.00
CA ILE A 75 -28.78 -14.70 -20.97
C ILE A 75 -28.08 -13.57 -21.73
N PRO A 76 -28.56 -13.20 -22.96
CA PRO A 76 -27.91 -12.20 -23.79
C PRO A 76 -28.40 -10.75 -23.61
N TYR A 77 -29.35 -10.59 -22.67
CA TYR A 77 -30.06 -9.32 -22.47
C TYR A 77 -30.26 -9.10 -20.98
N PRO A 78 -30.36 -7.84 -20.49
CA PRO A 78 -30.44 -7.57 -19.06
C PRO A 78 -31.70 -8.16 -18.44
N LEU A 79 -31.62 -9.44 -18.09
CA LEU A 79 -32.76 -10.16 -17.57
C LEU A 79 -32.69 -10.16 -16.05
N ARG A 80 -33.75 -9.62 -15.43
CA ARG A 80 -33.97 -9.82 -14.01
C ARG A 80 -34.54 -11.21 -13.79
N ILE A 81 -33.82 -12.00 -12.97
CA ILE A 81 -34.37 -13.24 -12.46
C ILE A 81 -34.71 -12.97 -11.00
N VAL A 82 -35.99 -12.74 -10.73
CA VAL A 82 -36.40 -12.32 -9.39
C VAL A 82 -36.78 -13.59 -8.62
N GLY A 83 -36.42 -13.61 -7.33
CA GLY A 83 -36.75 -14.71 -6.45
C GLY A 83 -37.44 -14.20 -5.18
N CYS A 84 -37.82 -15.19 -4.33
CA CYS A 84 -38.46 -14.92 -3.05
C CYS A 84 -37.72 -15.74 -2.00
N GLY A 85 -36.40 -15.86 -2.20
CA GLY A 85 -35.51 -16.44 -1.21
C GLY A 85 -34.74 -15.33 -0.50
N SER A 86 -33.66 -15.71 0.17
CA SER A 86 -32.82 -14.76 0.89
C SER A 86 -31.39 -15.29 0.97
N GLN A 87 -30.45 -14.41 1.32
CA GLN A 87 -29.07 -14.82 1.54
C GLN A 87 -29.06 -15.75 2.78
N GLY A 88 -28.35 -16.88 2.65
CA GLY A 88 -28.53 -17.97 3.62
C GLY A 88 -28.06 -19.36 3.05
N ILE A 89 -27.75 -20.27 3.98
CA ILE A 89 -27.18 -21.53 3.55
C ILE A 89 -28.29 -22.53 3.29
N ASN A 90 -29.40 -22.40 4.04
CA ASN A 90 -30.42 -23.44 4.14
C ASN A 90 -31.27 -23.44 2.88
N VAL A 91 -31.79 -24.62 2.54
CA VAL A 91 -32.25 -24.81 1.17
C VAL A 91 -33.73 -25.22 1.18
N THR A 92 -34.38 -25.05 2.34
CA THR A 92 -35.67 -25.63 2.66
C THR A 92 -36.75 -24.55 2.69
N LYS A 93 -36.36 -23.28 2.56
CA LYS A 93 -37.35 -22.22 2.43
C LYS A 93 -36.82 -21.17 1.46
N GLY A 94 -37.67 -20.71 0.52
CA GLY A 94 -37.29 -19.67 -0.43
C GLY A 94 -36.99 -20.26 -1.81
N THR A 95 -36.58 -19.38 -2.75
CA THR A 95 -36.15 -19.82 -4.07
C THR A 95 -34.77 -20.48 -3.89
N VAL A 96 -34.61 -21.69 -4.47
CA VAL A 96 -33.31 -22.38 -4.45
C VAL A 96 -33.02 -22.92 -5.85
N LEU A 97 -31.77 -22.76 -6.30
CA LEU A 97 -31.37 -23.13 -7.65
C LEU A 97 -30.08 -23.93 -7.64
N LYS A 98 -30.13 -25.13 -8.23
CA LYS A 98 -29.01 -26.06 -8.26
C LYS A 98 -28.49 -26.19 -9.69
N ARG A 99 -27.15 -26.13 -9.86
CA ARG A 99 -26.52 -26.48 -11.12
C ARG A 99 -26.82 -27.94 -11.45
N SER A 100 -26.92 -28.27 -12.74
CA SER A 100 -27.30 -29.59 -13.24
C SER A 100 -26.07 -30.50 -13.36
N ALA A 101 -26.32 -31.81 -13.54
CA ALA A 101 -25.41 -32.92 -13.25
C ALA A 101 -23.96 -32.64 -13.67
N GLY A 102 -23.73 -32.34 -14.95
CA GLY A 102 -22.36 -32.14 -15.42
C GLY A 102 -22.20 -30.83 -16.21
N ALA A 103 -23.01 -29.83 -15.85
CA ALA A 103 -22.96 -28.54 -16.51
C ALA A 103 -21.84 -27.66 -15.93
N SER A 104 -21.24 -26.83 -16.81
CA SER A 104 -20.10 -25.99 -16.49
C SER A 104 -20.54 -24.78 -15.68
N PHE A 105 -21.76 -24.30 -15.95
CA PHE A 105 -22.26 -23.10 -15.29
C PHE A 105 -23.77 -23.23 -15.11
N MET A 106 -24.35 -22.29 -14.37
CA MET A 106 -25.80 -22.26 -14.20
C MET A 106 -26.41 -21.15 -15.06
N PHE A 107 -25.77 -19.97 -15.05
CA PHE A 107 -26.16 -18.87 -15.93
C PHE A 107 -24.92 -18.19 -16.49
N HIS A 108 -24.96 -17.86 -17.77
CA HIS A 108 -23.91 -17.05 -18.38
C HIS A 108 -24.54 -15.79 -18.98
N PHE A 109 -24.46 -14.71 -18.20
CA PHE A 109 -24.96 -13.41 -18.62
C PHE A 109 -23.85 -12.77 -19.47
N THR A 110 -24.05 -12.77 -20.79
CA THR A 110 -23.00 -12.47 -21.75
C THR A 110 -23.57 -11.53 -22.81
N GLY A 111 -22.80 -10.49 -23.13
CA GLY A 111 -23.10 -9.64 -24.27
C GLY A 111 -22.08 -9.83 -25.40
N GLU A 112 -21.52 -11.06 -25.47
CA GLU A 112 -20.62 -11.42 -26.55
C GLU A 112 -21.41 -11.57 -27.86
N GLY A 113 -21.15 -10.65 -28.80
CA GLY A 113 -21.71 -10.71 -30.13
C GLY A 113 -22.87 -9.73 -30.28
N GLN A 114 -23.34 -9.17 -29.16
CA GLN A 114 -24.50 -8.29 -29.14
C GLN A 114 -24.11 -6.94 -29.75
N ALA A 115 -25.01 -6.38 -30.56
CA ALA A 115 -24.81 -5.07 -31.16
C ALA A 115 -24.69 -4.01 -30.07
N GLN A 116 -25.61 -4.05 -29.11
CA GLN A 116 -25.66 -3.13 -27.97
C GLN A 116 -25.35 -3.93 -26.70
N ARG A 117 -24.41 -3.43 -25.86
CA ARG A 117 -23.92 -4.16 -24.70
C ARG A 117 -25.04 -4.33 -23.67
N PRO A 118 -25.23 -5.55 -23.10
CA PRO A 118 -26.19 -5.76 -22.02
C PRO A 118 -25.96 -4.92 -20.77
N MET A 119 -27.03 -4.30 -20.28
CA MET A 119 -26.88 -3.31 -19.22
C MET A 119 -28.08 -3.40 -18.27
N GLY A 120 -27.85 -4.05 -17.11
CA GLY A 120 -28.88 -4.30 -16.13
C GLY A 120 -28.98 -5.79 -15.81
N GLY A 121 -30.05 -6.17 -15.07
CA GLY A 121 -30.37 -7.57 -14.83
C GLY A 121 -29.53 -8.18 -13.71
N GLY A 122 -29.90 -9.40 -13.31
CA GLY A 122 -29.14 -10.14 -12.31
C GLY A 122 -29.99 -11.14 -11.53
N LEU A 123 -29.67 -11.25 -10.24
CA LEU A 123 -30.15 -12.32 -9.37
C LEU A 123 -30.57 -11.72 -8.03
N PHE A 124 -31.88 -11.75 -7.78
CA PHE A 124 -32.52 -11.11 -6.64
C PHE A 124 -33.28 -12.14 -5.80
N ASN A 125 -32.77 -12.35 -4.57
CA ASN A 125 -33.46 -13.18 -3.59
C ASN A 125 -33.36 -14.65 -4.01
N ILE A 126 -32.13 -15.16 -4.21
CA ILE A 126 -31.97 -16.51 -4.74
C ILE A 126 -30.81 -17.23 -4.05
N ASN A 127 -31.09 -18.45 -3.57
CA ASN A 127 -30.10 -19.37 -3.01
C ASN A 127 -29.59 -20.24 -4.15
N LEU A 128 -28.35 -19.98 -4.59
CA LEU A 128 -27.76 -20.65 -5.74
C LEU A 128 -26.70 -21.64 -5.29
N ASN A 129 -26.88 -22.90 -5.68
CA ASN A 129 -26.02 -24.01 -5.31
C ASN A 129 -25.38 -24.60 -6.56
N GLY A 130 -24.20 -25.20 -6.37
CA GLY A 130 -23.61 -26.14 -7.31
C GLY A 130 -24.20 -27.54 -7.07
N ASP A 131 -24.32 -28.31 -8.16
CA ASP A 131 -24.93 -29.63 -8.19
C ASP A 131 -24.37 -30.56 -7.12
N THR A 132 -23.07 -30.37 -6.81
CA THR A 132 -22.30 -31.20 -5.88
C THR A 132 -21.20 -30.33 -5.32
N ALA A 133 -20.73 -30.68 -4.11
CA ALA A 133 -19.73 -29.92 -3.39
C ALA A 133 -18.36 -29.98 -4.05
N THR A 134 -18.22 -30.61 -5.23
CA THR A 134 -16.90 -30.76 -5.82
C THR A 134 -16.85 -30.36 -7.29
N ALA A 135 -18.00 -30.01 -7.87
CA ALA A 135 -18.03 -29.69 -9.29
C ALA A 135 -17.23 -28.42 -9.58
N LEU A 136 -16.00 -28.62 -10.07
CA LEU A 136 -15.20 -27.60 -10.72
C LEU A 136 -16.02 -26.97 -11.86
N GLY A 137 -15.66 -25.76 -12.30
CA GLY A 137 -16.46 -24.98 -13.23
C GLY A 137 -16.74 -23.58 -12.69
N ASP A 138 -17.92 -23.03 -13.03
CA ASP A 138 -18.37 -21.75 -12.51
C ASP A 138 -19.84 -21.88 -12.11
N ILE A 139 -20.27 -21.21 -11.04
CA ILE A 139 -21.71 -21.16 -10.85
C ILE A 139 -22.29 -20.18 -11.86
N ILE A 140 -21.91 -18.91 -11.71
CA ILE A 140 -22.46 -17.82 -12.50
C ILE A 140 -21.31 -17.08 -13.16
N LYS A 141 -21.31 -17.07 -14.49
CA LYS A 141 -20.37 -16.29 -15.29
C LYS A 141 -21.08 -15.04 -15.78
N VAL A 142 -20.36 -13.92 -15.80
CA VAL A 142 -20.85 -12.68 -16.38
C VAL A 142 -19.73 -12.16 -17.27
N THR A 143 -20.01 -12.08 -18.58
CA THR A 143 -19.02 -11.62 -19.53
C THR A 143 -19.60 -10.44 -20.31
N GLN A 144 -18.74 -9.46 -20.61
CA GLN A 144 -19.07 -8.30 -21.42
C GLN A 144 -20.47 -7.79 -21.10
N TRP A 145 -20.57 -7.08 -19.96
CA TRP A 145 -21.83 -6.73 -19.32
C TRP A 145 -21.61 -5.48 -18.46
N SER A 146 -22.69 -4.71 -18.23
CA SER A 146 -22.64 -3.61 -17.28
C SER A 146 -23.93 -3.53 -16.45
N TYR A 147 -23.77 -3.12 -15.18
CA TYR A 147 -24.83 -2.81 -14.24
C TYR A 147 -25.55 -4.09 -13.81
N PHE A 148 -24.82 -5.21 -13.81
CA PHE A 148 -25.24 -6.45 -13.17
C PHE A 148 -25.34 -6.21 -11.67
N LYS A 149 -26.45 -6.68 -11.09
CA LYS A 149 -26.65 -6.71 -9.65
C LYS A 149 -26.94 -8.15 -9.24
N ALA A 150 -26.29 -8.60 -8.16
CA ALA A 150 -26.67 -9.81 -7.46
C ALA A 150 -26.82 -9.45 -5.99
N ASN A 151 -28.08 -9.47 -5.52
CA ASN A 151 -28.45 -8.94 -4.22
C ASN A 151 -29.26 -10.00 -3.47
N ASN A 152 -29.05 -10.09 -2.16
CA ASN A 152 -29.77 -10.97 -1.26
C ASN A 152 -29.73 -12.42 -1.75
N CYS A 153 -28.55 -12.87 -2.18
CA CYS A 153 -28.42 -14.18 -2.78
C CYS A 153 -27.51 -15.09 -1.96
N ALA A 154 -27.32 -16.31 -2.47
CA ALA A 154 -26.25 -17.17 -2.00
C ALA A 154 -25.48 -17.75 -3.18
N PHE A 155 -24.21 -18.08 -2.94
CA PHE A 155 -23.35 -18.74 -3.92
C PHE A 155 -22.56 -19.83 -3.20
N GLN A 156 -22.94 -21.10 -3.43
CA GLN A 156 -22.43 -22.16 -2.57
C GLN A 156 -22.45 -23.52 -3.25
N ASN A 157 -21.54 -24.38 -2.76
CA ASN A 157 -21.58 -25.83 -2.86
C ASN A 157 -20.96 -26.33 -4.16
N MET A 158 -19.70 -25.96 -4.39
CA MET A 158 -18.93 -26.46 -5.51
C MET A 158 -17.45 -26.15 -5.26
N ALA A 159 -16.58 -26.64 -6.15
CA ALA A 159 -15.14 -26.47 -6.00
C ALA A 159 -14.56 -25.57 -7.08
N GLY A 160 -15.43 -24.99 -7.91
CA GLY A 160 -15.01 -23.97 -8.86
C GLY A 160 -15.28 -22.57 -8.31
N TRP A 161 -15.50 -21.62 -9.24
CA TRP A 161 -15.76 -20.23 -8.90
C TRP A 161 -17.25 -19.98 -8.70
N GLY A 162 -17.58 -19.23 -7.66
CA GLY A 162 -18.93 -18.73 -7.43
C GLY A 162 -19.38 -17.83 -8.58
N ILE A 163 -18.80 -16.64 -8.66
CA ILE A 163 -19.13 -15.68 -9.70
C ILE A 163 -17.85 -15.41 -10.49
N ARG A 164 -17.89 -15.64 -11.81
CA ARG A 164 -16.76 -15.35 -12.68
C ARG A 164 -17.09 -14.15 -13.57
N LEU A 165 -16.22 -13.13 -13.51
CA LEU A 165 -16.44 -11.83 -14.14
C LEU A 165 -15.36 -11.54 -15.19
N LYS A 166 -15.80 -11.26 -16.43
CA LYS A 166 -14.92 -10.81 -17.50
C LYS A 166 -15.59 -9.65 -18.24
N ASP A 167 -14.87 -8.51 -18.34
CA ASP A 167 -15.38 -7.29 -18.94
C ASP A 167 -16.76 -6.95 -18.38
N VAL A 168 -16.83 -6.79 -17.06
CA VAL A 168 -18.05 -6.34 -16.40
C VAL A 168 -17.76 -5.04 -15.66
N MET A 169 -18.64 -4.05 -15.85
N MET A 169 -18.64 -4.05 -15.82
CA MET A 169 -18.46 -2.72 -15.31
CA MET A 169 -18.41 -2.71 -15.30
C MET A 169 -19.72 -2.33 -14.54
C MET A 169 -19.72 -2.18 -14.72
N GLU A 170 -19.62 -1.24 -13.76
CA GLU A 170 -20.77 -0.54 -13.19
C GLU A 170 -21.64 -1.47 -12.32
N SER A 171 -21.04 -2.52 -11.77
CA SER A 171 -21.84 -3.62 -11.24
C SER A 171 -21.82 -3.65 -9.71
N ASN A 172 -22.69 -4.51 -9.15
CA ASN A 172 -22.88 -4.58 -7.70
C ASN A 172 -23.18 -6.02 -7.31
N ILE A 173 -22.48 -6.47 -6.26
CA ILE A 173 -22.65 -7.79 -5.67
C ILE A 173 -22.65 -7.59 -4.16
N SER A 174 -23.83 -7.30 -3.60
CA SER A 174 -23.88 -6.95 -2.19
C SER A 174 -24.96 -7.72 -1.41
N GLY A 175 -24.66 -8.04 -0.15
CA GLY A 175 -25.64 -8.63 0.74
C GLY A 175 -25.84 -10.13 0.50
N ASN A 176 -24.85 -10.75 -0.14
CA ASN A 176 -24.92 -12.15 -0.52
C ASN A 176 -24.14 -12.98 0.50
N LEU A 177 -24.36 -14.29 0.45
CA LEU A 177 -23.51 -15.27 1.11
C LEU A 177 -22.67 -15.99 0.06
N PHE A 178 -21.38 -16.16 0.35
CA PHE A 178 -20.49 -16.99 -0.44
C PHE A 178 -19.95 -18.08 0.50
N ARG A 179 -20.13 -19.35 0.12
CA ARG A 179 -19.77 -20.45 1.02
C ARG A 179 -19.51 -21.73 0.22
N ARG A 180 -18.75 -22.66 0.84
N ARG A 180 -18.75 -22.66 0.83
CA ARG A 180 -18.35 -23.94 0.28
CA ARG A 180 -18.42 -23.95 0.23
C ARG A 180 -18.10 -23.82 -1.23
C ARG A 180 -18.13 -23.80 -1.26
N LEU A 181 -17.24 -22.86 -1.57
CA LEU A 181 -16.84 -22.53 -2.92
C LEU A 181 -15.33 -22.75 -3.07
N GLY A 182 -14.92 -23.07 -4.29
CA GLY A 182 -13.52 -22.99 -4.69
C GLY A 182 -12.70 -24.20 -4.28
N GLY A 183 -11.37 -24.02 -4.34
CA GLY A 183 -10.42 -25.11 -4.26
C GLY A 183 -9.33 -24.92 -5.30
N PRO A 184 -8.48 -25.95 -5.52
CA PRO A 184 -7.43 -25.96 -6.55
C PRO A 184 -7.64 -25.03 -7.75
N SER A 185 -8.83 -25.05 -8.36
CA SER A 185 -9.09 -24.17 -9.50
C SER A 185 -10.47 -23.54 -9.41
N GLY A 186 -10.72 -22.94 -8.24
CA GLY A 186 -11.91 -22.13 -8.00
C GLY A 186 -11.62 -21.03 -6.97
N GLY A 187 -12.70 -20.49 -6.41
CA GLY A 187 -12.69 -19.40 -5.43
C GLY A 187 -14.09 -18.78 -5.40
N GLY A 188 -14.17 -17.55 -4.86
CA GLY A 188 -15.43 -16.84 -4.74
C GLY A 188 -15.75 -16.02 -5.99
N ILE A 189 -15.45 -14.72 -5.91
CA ILE A 189 -15.63 -13.80 -7.02
C ILE A 189 -14.29 -13.64 -7.72
N LEU A 190 -14.27 -13.94 -9.03
CA LEU A 190 -13.07 -13.87 -9.83
C LEU A 190 -13.18 -12.73 -10.83
N PHE A 191 -12.16 -11.87 -10.83
CA PHE A 191 -11.95 -10.90 -11.89
C PHE A 191 -11.06 -11.60 -12.91
N ASP A 192 -11.66 -12.04 -14.02
CA ASP A 192 -10.92 -12.81 -15.01
C ASP A 192 -10.15 -11.85 -15.90
N ASP A 193 -9.38 -12.41 -16.85
CA ASP A 193 -8.69 -11.62 -17.85
C ASP A 193 -9.65 -10.64 -18.51
N VAL A 194 -9.09 -9.50 -18.95
CA VAL A 194 -9.75 -8.56 -19.83
C VAL A 194 -10.19 -9.29 -21.11
N ARG A 195 -11.26 -8.80 -21.74
CA ARG A 195 -11.87 -9.51 -22.85
C ARG A 195 -11.07 -9.29 -24.14
N SER A 196 -10.67 -8.05 -24.39
CA SER A 196 -9.96 -7.72 -25.63
C SER A 196 -8.88 -6.67 -25.38
N ALA A 197 -9.32 -5.41 -25.24
CA ALA A 197 -8.42 -4.33 -24.88
C ALA A 197 -8.33 -4.25 -23.35
N VAL A 198 -7.22 -3.70 -22.83
CA VAL A 198 -6.99 -3.72 -21.40
C VAL A 198 -8.08 -2.96 -20.65
N THR A 199 -8.86 -2.18 -21.39
CA THR A 199 -9.98 -1.44 -20.82
C THR A 199 -11.25 -2.28 -20.77
N ASP A 200 -11.22 -3.52 -21.30
CA ASP A 200 -12.35 -4.43 -21.19
C ASP A 200 -12.23 -5.27 -19.92
N ASN A 201 -12.13 -4.56 -18.79
CA ASN A 201 -11.78 -5.09 -17.48
C ASN A 201 -13.00 -5.22 -16.59
N VAL A 202 -12.75 -5.52 -15.30
CA VAL A 202 -13.71 -5.34 -14.24
C VAL A 202 -13.47 -3.97 -13.63
N ASN A 203 -14.45 -3.06 -13.72
CA ASN A 203 -14.24 -1.77 -13.07
C ASN A 203 -15.57 -1.28 -12.49
N ASN A 204 -15.47 -0.38 -11.50
CA ASN A 204 -16.62 0.22 -10.81
C ASN A 204 -17.56 -0.88 -10.32
N LEU A 205 -17.06 -1.71 -9.38
CA LEU A 205 -17.82 -2.82 -8.84
C LEU A 205 -17.86 -2.67 -7.33
N HIS A 206 -19.04 -2.88 -6.74
CA HIS A 206 -19.23 -2.87 -5.30
C HIS A 206 -19.44 -4.30 -4.80
N ILE A 207 -18.62 -4.66 -3.82
CA ILE A 207 -18.72 -5.93 -3.10
C ILE A 207 -18.83 -5.56 -1.62
N GLU A 208 -20.07 -5.44 -1.15
CA GLU A 208 -20.36 -4.91 0.18
C GLU A 208 -21.33 -5.82 0.91
N ASP A 209 -21.31 -5.76 2.26
CA ASP A 209 -22.41 -6.27 3.07
C ASP A 209 -22.51 -7.79 2.94
N ASN A 210 -21.48 -8.38 2.36
CA ASN A 210 -21.46 -9.79 2.02
C ASN A 210 -20.89 -10.60 3.16
N THR A 211 -21.10 -11.91 3.09
CA THR A 211 -20.55 -12.84 4.06
C THR A 211 -19.81 -13.93 3.29
N PHE A 212 -18.51 -14.09 3.57
CA PHE A 212 -17.73 -15.15 2.96
C PHE A 212 -17.38 -16.15 4.07
N ALA A 213 -17.41 -17.45 3.73
CA ALA A 213 -17.33 -18.52 4.72
C ALA A 213 -16.82 -19.81 4.08
N LEU A 214 -15.91 -20.50 4.78
CA LEU A 214 -15.62 -21.91 4.56
C LEU A 214 -15.30 -22.20 3.09
N MET A 215 -14.40 -21.41 2.49
CA MET A 215 -14.13 -21.50 1.06
C MET A 215 -12.65 -21.82 0.82
N SER A 216 -12.36 -22.27 -0.42
CA SER A 216 -11.00 -22.49 -0.91
C SER A 216 -10.69 -21.60 -2.12
N GLY A 217 -9.41 -21.59 -2.50
CA GLY A 217 -8.87 -20.68 -3.51
C GLY A 217 -8.82 -19.24 -2.99
N PRO A 218 -8.78 -18.23 -3.89
CA PRO A 218 -9.04 -16.84 -3.56
C PRO A 218 -10.52 -16.59 -3.30
N TRP A 219 -10.85 -15.94 -2.17
CA TRP A 219 -12.23 -15.62 -1.85
C TRP A 219 -12.72 -14.50 -2.79
N ILE A 220 -11.85 -13.51 -3.01
CA ILE A 220 -11.93 -12.64 -4.16
C ILE A 220 -10.54 -12.59 -4.78
N GLY A 221 -10.46 -12.71 -6.11
CA GLY A 221 -9.18 -12.73 -6.79
C GLY A 221 -9.24 -12.04 -8.16
N SER A 222 -8.06 -11.95 -8.79
CA SER A 222 -7.90 -11.42 -10.13
C SER A 222 -6.71 -12.07 -10.83
N THR A 223 -6.81 -12.22 -12.15
CA THR A 223 -5.76 -12.84 -12.94
C THR A 223 -4.64 -11.85 -13.28
N ALA A 224 -3.56 -12.37 -13.88
CA ALA A 224 -2.37 -11.62 -14.18
C ALA A 224 -2.62 -10.59 -15.28
N ASN A 225 -3.82 -10.60 -15.88
CA ASN A 225 -4.10 -9.75 -17.03
C ASN A 225 -5.48 -9.13 -16.90
N SER A 226 -5.96 -9.01 -15.66
CA SER A 226 -7.33 -8.65 -15.34
C SER A 226 -7.56 -7.12 -15.29
N ASN A 227 -6.50 -6.35 -15.01
CA ASN A 227 -6.53 -4.89 -15.01
C ASN A 227 -7.77 -4.30 -14.32
N PRO A 228 -8.18 -4.72 -13.08
CA PRO A 228 -9.35 -4.13 -12.44
C PRO A 228 -9.11 -2.72 -11.89
N ASP A 229 -10.20 -1.93 -11.82
CA ASP A 229 -10.10 -0.54 -11.40
C ASP A 229 -11.37 -0.08 -10.69
N LEU A 230 -11.18 0.62 -9.56
CA LEU A 230 -12.26 1.22 -8.80
C LEU A 230 -13.19 0.13 -8.28
N ILE A 231 -12.61 -0.71 -7.41
CA ILE A 231 -13.29 -1.84 -6.78
C ILE A 231 -13.53 -1.49 -5.31
N TRP A 232 -14.79 -1.53 -4.86
CA TRP A 232 -15.03 -1.53 -3.43
C TRP A 232 -15.17 -2.96 -2.93
N ILE A 233 -14.41 -3.27 -1.87
CA ILE A 233 -14.59 -4.44 -1.04
C ILE A 233 -14.65 -3.95 0.40
N VAL A 234 -15.87 -3.65 0.85
CA VAL A 234 -16.05 -2.92 2.09
C VAL A 234 -17.20 -3.51 2.90
N ARG A 235 -17.01 -3.54 4.23
CA ARG A 235 -18.03 -3.91 5.20
C ARG A 235 -18.57 -5.30 4.90
N ASN A 236 -17.66 -6.19 4.48
CA ASN A 236 -17.90 -7.61 4.36
C ASN A 236 -17.36 -8.32 5.60
N LYS A 237 -17.74 -9.59 5.73
CA LYS A 237 -17.23 -10.46 6.77
C LYS A 237 -16.59 -11.70 6.14
N PHE A 238 -15.28 -11.85 6.35
CA PHE A 238 -14.57 -13.01 5.84
C PHE A 238 -14.19 -13.86 7.05
N GLU A 239 -14.58 -15.15 7.07
CA GLU A 239 -14.16 -16.01 8.18
C GLU A 239 -13.92 -17.43 7.70
N PHE A 240 -12.79 -18.00 8.13
CA PHE A 240 -12.34 -19.33 7.76
C PHE A 240 -13.48 -20.34 7.81
N ASP A 241 -13.99 -20.60 9.03
CA ASP A 241 -15.22 -21.35 9.26
C ASP A 241 -14.94 -22.85 9.27
N GLY A 242 -14.24 -23.32 8.24
CA GLY A 242 -13.76 -24.68 8.13
C GLY A 242 -13.16 -24.89 6.74
N THR A 243 -12.71 -26.12 6.46
CA THR A 243 -12.22 -26.49 5.15
C THR A 243 -13.36 -27.10 4.34
N PRO A 244 -13.63 -26.65 3.09
CA PRO A 244 -14.68 -27.27 2.29
C PRO A 244 -14.23 -28.58 1.66
N ALA A 245 -15.15 -29.20 0.92
CA ALA A 245 -14.91 -30.47 0.24
C ALA A 245 -13.54 -30.49 -0.45
N ALA A 246 -13.18 -29.36 -1.07
CA ALA A 246 -11.90 -29.28 -1.74
C ALA A 246 -10.98 -28.37 -0.93
N PRO A 247 -9.96 -28.92 -0.22
CA PRO A 247 -8.94 -28.09 0.42
C PRO A 247 -8.00 -27.43 -0.59
N ASN A 248 -7.28 -26.39 -0.12
CA ASN A 248 -6.28 -25.70 -0.93
C ASN A 248 -5.09 -26.62 -1.15
N THR A 249 -4.55 -26.54 -2.36
CA THR A 249 -3.39 -27.32 -2.75
C THR A 249 -2.13 -26.45 -2.67
N VAL A 250 -2.33 -25.12 -2.60
CA VAL A 250 -1.20 -24.20 -2.55
C VAL A 250 -1.39 -23.23 -1.39
N ASP A 251 -0.29 -22.60 -0.96
CA ASP A 251 -0.38 -21.49 -0.04
C ASP A 251 -1.28 -20.42 -0.66
N SER A 252 -2.28 -19.97 0.11
CA SER A 252 -3.40 -19.18 -0.37
C SER A 252 -3.58 -17.87 0.41
N TYR A 253 -4.30 -16.93 -0.23
CA TYR A 253 -4.66 -15.65 0.33
C TYR A 253 -6.15 -15.42 0.15
N VAL A 254 -6.80 -14.81 1.14
CA VAL A 254 -8.23 -14.57 1.09
C VAL A 254 -8.52 -13.67 -0.10
N LEU A 255 -7.71 -12.61 -0.24
CA LEU A 255 -7.84 -11.67 -1.33
C LEU A 255 -6.56 -11.74 -2.16
N ASP A 256 -6.69 -12.24 -3.39
CA ASP A 256 -5.53 -12.55 -4.20
C ASP A 256 -5.64 -11.81 -5.52
N PHE A 257 -5.10 -10.59 -5.57
CA PHE A 257 -5.27 -9.76 -6.77
C PHE A 257 -3.93 -9.60 -7.49
N GLN A 258 -3.75 -10.38 -8.57
CA GLN A 258 -2.52 -10.35 -9.34
C GLN A 258 -2.41 -8.99 -10.05
N GLN A 259 -3.58 -8.41 -10.32
CA GLN A 259 -3.68 -7.06 -10.83
C GLN A 259 -4.79 -6.33 -10.07
N LEU A 260 -4.53 -5.05 -9.76
CA LEU A 260 -5.54 -4.21 -9.11
C LEU A 260 -5.06 -2.75 -9.12
N SER A 261 -5.96 -1.87 -9.56
CA SER A 261 -5.73 -0.44 -9.62
C SER A 261 -6.42 0.26 -8.45
N ARG A 262 -7.38 1.16 -8.70
CA ARG A 262 -7.99 1.85 -7.57
C ARG A 262 -8.87 0.85 -6.83
N ALA A 263 -8.63 0.66 -5.53
CA ALA A 263 -9.44 -0.28 -4.77
C ALA A 263 -9.51 0.16 -3.31
N PHE A 264 -10.73 0.07 -2.79
CA PHE A 264 -11.01 0.29 -1.39
C PHE A 264 -11.26 -1.07 -0.76
N ILE A 265 -10.37 -1.45 0.16
CA ILE A 265 -10.55 -2.66 0.93
C ILE A 265 -10.58 -2.25 2.40
N GLN A 266 -11.79 -1.98 2.91
CA GLN A 266 -11.93 -1.21 4.13
C GLN A 266 -13.08 -1.73 4.98
N ASP A 267 -12.92 -1.56 6.30
CA ASP A 267 -14.00 -1.77 7.27
C ASP A 267 -14.54 -3.20 7.20
N ASN A 268 -13.72 -4.14 6.74
CA ASN A 268 -14.07 -5.55 6.71
C ASN A 268 -13.62 -6.22 8.01
N GLY A 269 -14.31 -7.29 8.37
CA GLY A 269 -13.77 -8.25 9.30
C GLY A 269 -13.05 -9.37 8.56
N PHE A 270 -12.01 -9.91 9.19
CA PHE A 270 -11.33 -11.10 8.73
C PHE A 270 -11.00 -11.90 9.99
N THR A 271 -11.34 -13.19 9.99
CA THR A 271 -11.26 -13.96 11.22
C THR A 271 -10.72 -15.35 10.90
N HIS A 272 -9.69 -15.76 11.66
CA HIS A 272 -9.11 -17.10 11.65
C HIS A 272 -8.57 -17.46 10.28
N PHE A 273 -7.68 -16.63 9.73
CA PHE A 273 -7.05 -17.00 8.48
C PHE A 273 -5.60 -17.37 8.78
N THR A 274 -5.28 -18.67 8.71
CA THR A 274 -3.97 -19.18 9.11
C THR A 274 -3.52 -20.25 8.12
N THR A 275 -2.21 -20.55 8.18
CA THR A 275 -1.61 -21.65 7.41
C THR A 275 -2.26 -22.97 7.80
N GLU A 276 -2.39 -23.24 9.10
CA GLU A 276 -2.96 -24.52 9.54
C GLU A 276 -4.43 -24.63 9.12
N ARG A 277 -5.09 -23.47 8.94
CA ARG A 277 -6.50 -23.49 8.58
C ARG A 277 -6.65 -23.35 7.07
N ASN A 278 -6.36 -24.45 6.36
CA ASN A 278 -6.50 -24.53 4.91
C ASN A 278 -5.55 -23.56 4.21
N ARG A 279 -4.36 -23.33 4.80
CA ARG A 279 -3.23 -22.75 4.09
C ARG A 279 -3.53 -21.32 3.64
N TYR A 280 -4.23 -20.57 4.49
CA TYR A 280 -4.40 -19.15 4.24
C TYR A 280 -3.25 -18.42 4.91
N VAL A 281 -2.13 -18.34 4.18
CA VAL A 281 -0.85 -17.85 4.68
C VAL A 281 -0.90 -16.34 4.86
N GLY A 282 -1.90 -15.67 4.28
CA GLY A 282 -2.07 -14.24 4.42
C GLY A 282 -3.47 -13.80 4.00
N VAL A 283 -3.85 -12.58 4.37
CA VAL A 283 -5.17 -12.04 4.11
C VAL A 283 -5.26 -11.46 2.70
N LEU A 284 -4.26 -10.64 2.30
CA LEU A 284 -4.25 -9.96 1.01
C LEU A 284 -2.94 -10.26 0.29
N ARG A 285 -3.01 -10.62 -0.99
CA ARG A 285 -1.80 -10.65 -1.79
C ARG A 285 -1.98 -9.75 -3.01
N VAL A 286 -0.96 -8.93 -3.32
CA VAL A 286 -1.06 -8.04 -4.47
C VAL A 286 0.08 -8.38 -5.42
N GLY A 287 -0.26 -8.67 -6.69
CA GLY A 287 0.73 -9.09 -7.67
C GLY A 287 1.68 -7.96 -8.06
N ALA A 288 2.83 -8.36 -8.63
CA ALA A 288 3.93 -7.47 -8.96
C ALA A 288 3.54 -6.40 -9.99
N THR A 289 2.54 -6.72 -10.84
N THR A 289 2.54 -6.70 -10.84
CA THR A 289 2.18 -5.88 -11.97
CA THR A 289 2.26 -5.80 -11.94
C THR A 289 0.96 -5.02 -11.65
C THR A 289 1.13 -4.84 -11.58
N ALA A 290 0.55 -5.02 -10.38
CA ALA A 290 -0.57 -4.20 -9.92
C ALA A 290 -0.18 -2.72 -9.88
N VAL A 291 -1.14 -1.83 -10.10
CA VAL A 291 -0.75 -0.44 -10.29
C VAL A 291 -1.33 0.49 -9.23
N GLY A 292 -2.65 0.65 -9.34
CA GLY A 292 -3.38 1.82 -8.89
C GLY A 292 -3.51 1.65 -7.40
N THR A 293 -3.98 2.72 -6.73
CA THR A 293 -3.88 2.82 -5.29
C THR A 293 -4.88 1.88 -4.61
N ILE A 294 -4.33 0.96 -3.82
CA ILE A 294 -5.11 0.00 -3.06
C ILE A 294 -5.12 0.51 -1.63
N LYS A 295 -6.32 0.87 -1.14
CA LYS A 295 -6.46 1.27 0.25
C LYS A 295 -6.89 0.07 1.08
N PHE A 296 -5.98 -0.45 1.92
CA PHE A 296 -6.31 -1.53 2.82
C PHE A 296 -6.39 -0.97 4.24
N GLU A 297 -7.58 -0.50 4.64
CA GLU A 297 -7.65 0.44 5.76
C GLU A 297 -8.83 0.10 6.66
N ASP A 298 -8.56 0.15 7.97
CA ASP A 298 -9.56 0.05 9.04
C ASP A 298 -10.31 -1.28 9.03
N ASN A 299 -9.59 -2.36 8.69
CA ASN A 299 -10.10 -3.71 8.81
C ASN A 299 -9.86 -4.18 10.24
N LEU A 300 -10.82 -4.93 10.79
CA LEU A 300 -10.70 -5.54 12.10
C LEU A 300 -10.54 -7.05 12.00
N LEU A 301 -9.30 -7.51 12.21
CA LEU A 301 -8.92 -8.91 12.10
C LEU A 301 -8.93 -9.59 13.47
N PHE A 302 -9.11 -10.92 13.43
CA PHE A 302 -9.15 -11.76 14.60
C PHE A 302 -8.37 -13.04 14.29
N ALA A 303 -7.31 -13.29 15.06
CA ALA A 303 -6.57 -14.53 14.99
C ALA A 303 -6.05 -14.83 13.58
N CYS A 304 -5.66 -13.78 12.86
CA CYS A 304 -5.09 -13.93 11.53
C CYS A 304 -3.56 -14.03 11.63
N GLU A 305 -3.01 -14.78 10.68
CA GLU A 305 -1.59 -15.13 10.73
C GLU A 305 -0.75 -14.02 10.10
N SER A 306 -1.19 -13.48 8.95
CA SER A 306 -0.37 -12.49 8.27
C SER A 306 -1.25 -11.54 7.46
N ALA A 307 -0.85 -10.26 7.39
CA ALA A 307 -1.55 -9.32 6.53
C ALA A 307 -1.38 -9.78 5.10
N GLY A 308 -0.18 -10.29 4.77
CA GLY A 308 -0.02 -10.82 3.42
C GLY A 308 1.31 -10.42 2.78
N LEU A 309 1.27 -10.33 1.45
CA LEU A 309 2.42 -10.12 0.60
C LEU A 309 2.02 -9.10 -0.46
N ILE A 310 2.75 -7.98 -0.49
CA ILE A 310 2.52 -6.97 -1.51
C ILE A 310 3.73 -7.01 -2.42
N ALA A 311 3.54 -7.44 -3.69
CA ALA A 311 4.68 -7.58 -4.59
C ALA A 311 4.70 -6.44 -5.61
N GLY A 312 3.67 -5.59 -5.56
CA GLY A 312 3.55 -4.54 -6.56
C GLY A 312 2.46 -3.54 -6.21
N GLY A 313 2.39 -2.45 -6.99
CA GLY A 313 1.35 -1.43 -6.90
C GLY A 313 1.69 -0.39 -5.82
N ILE A 314 0.90 0.68 -5.80
CA ILE A 314 0.85 1.62 -4.69
C ILE A 314 -0.23 1.10 -3.74
N VAL A 315 0.17 0.73 -2.52
CA VAL A 315 -0.71 0.21 -1.48
C VAL A 315 -0.58 1.06 -0.23
N VAL A 316 -1.73 1.51 0.27
CA VAL A 316 -1.79 2.26 1.51
C VAL A 316 -2.55 1.40 2.51
N SER A 317 -1.93 1.15 3.65
CA SER A 317 -2.53 0.33 4.68
C SER A 317 -2.40 1.08 6.00
N ARG A 318 -3.53 1.43 6.61
N ARG A 318 -3.53 1.43 6.61
CA ARG A 318 -3.56 2.05 7.92
CA ARG A 318 -3.55 2.05 7.93
C ARG A 318 -4.84 1.66 8.65
C ARG A 318 -4.84 1.67 8.65
N GLY A 319 -4.81 1.79 9.98
CA GLY A 319 -6.00 1.64 10.80
C GLY A 319 -6.42 0.19 11.06
N ASN A 320 -5.67 -0.78 10.53
CA ASN A 320 -6.00 -2.19 10.70
C ASN A 320 -5.52 -2.63 12.08
N VAL A 321 -6.34 -3.46 12.74
CA VAL A 321 -6.04 -3.96 14.08
C VAL A 321 -6.40 -5.45 14.09
N ASN A 322 -5.47 -6.31 14.54
CA ASN A 322 -5.72 -7.73 14.70
C ASN A 322 -5.77 -8.02 16.20
N ASN A 323 -6.90 -8.54 16.68
CA ASN A 323 -6.95 -9.17 17.99
C ASN A 323 -6.49 -10.61 17.80
N GLN A 324 -5.39 -10.97 18.48
CA GLN A 324 -4.71 -12.22 18.22
C GLN A 324 -5.59 -13.39 18.64
N GLY A 325 -6.45 -13.16 19.64
CA GLY A 325 -7.36 -14.21 20.11
C GLY A 325 -6.61 -15.48 20.47
N SER A 326 -7.07 -16.60 19.89
CA SER A 326 -6.55 -17.92 20.17
C SER A 326 -5.35 -18.25 19.31
N ALA A 327 -5.01 -17.40 18.34
CA ALA A 327 -3.85 -17.67 17.51
C ALA A 327 -2.60 -17.76 18.40
N THR A 328 -1.60 -18.50 17.91
CA THR A 328 -0.39 -18.76 18.67
C THR A 328 0.59 -17.58 18.54
N THR A 329 0.51 -16.82 17.45
CA THR A 329 1.49 -15.77 17.20
C THR A 329 0.77 -14.47 16.88
N ALA A 330 1.44 -13.35 17.18
CA ALA A 330 1.02 -12.06 16.67
C ALA A 330 0.89 -12.13 15.15
N ILE A 331 -0.08 -11.40 14.58
CA ILE A 331 -0.14 -11.26 13.14
C ILE A 331 1.23 -10.80 12.61
N LYS A 332 1.65 -11.37 11.48
N LYS A 332 1.63 -11.37 11.47
CA LYS A 332 2.82 -10.84 10.78
CA LYS A 332 2.77 -10.86 10.72
C LYS A 332 2.38 -9.70 9.87
C LYS A 332 2.33 -9.65 9.89
N GLN A 333 3.27 -8.72 9.66
CA GLN A 333 3.02 -7.54 8.84
C GLN A 333 3.16 -7.91 7.37
N PHE A 334 2.64 -7.05 6.48
CA PHE A 334 2.89 -7.19 5.05
C PHE A 334 4.37 -7.41 4.83
N THR A 335 4.70 -8.41 3.99
CA THR A 335 5.96 -8.43 3.27
C THR A 335 5.76 -7.52 2.06
N ASN A 336 6.69 -6.60 1.82
CA ASN A 336 6.54 -5.66 0.73
C ASN A 336 7.75 -5.77 -0.18
N THR A 337 7.52 -6.05 -1.47
CA THR A 337 8.61 -5.99 -2.44
C THR A 337 8.19 -5.14 -3.64
N SER A 338 7.18 -4.29 -3.45
CA SER A 338 6.63 -3.48 -4.52
C SER A 338 7.70 -2.57 -5.11
N SER A 339 7.68 -2.41 -6.44
CA SER A 339 8.55 -1.41 -7.02
C SER A 339 7.99 0.00 -6.78
N LYS A 340 6.82 0.11 -6.16
CA LYS A 340 6.19 1.42 -6.05
C LYS A 340 5.99 1.82 -4.58
N LEU A 341 5.92 3.14 -4.34
CA LEU A 341 5.58 3.68 -3.03
C LEU A 341 4.50 2.82 -2.37
N CYS A 342 4.83 2.35 -1.16
CA CYS A 342 3.84 1.75 -0.28
C CYS A 342 3.92 2.45 1.07
N LYS A 343 2.74 2.72 1.65
CA LYS A 343 2.67 3.33 2.96
C LYS A 343 1.97 2.34 3.88
N LEU A 344 2.75 1.46 4.50
CA LEU A 344 2.18 0.31 5.19
C LEU A 344 2.35 0.53 6.69
N GLU A 345 1.36 1.19 7.30
CA GLU A 345 1.36 1.38 8.75
C GLU A 345 1.07 0.02 9.38
N ARG A 346 1.69 -0.24 10.54
N ARG A 346 1.69 -0.26 10.53
CA ARG A 346 1.57 -1.54 11.18
CA ARG A 346 1.65 -1.61 11.08
C ARG A 346 0.11 -1.95 11.37
C ARG A 346 0.22 -2.00 11.49
N VAL A 347 -0.14 -3.24 11.16
CA VAL A 347 -1.36 -3.84 11.66
C VAL A 347 -1.08 -4.12 13.13
N ILE A 348 -1.75 -3.38 14.02
CA ILE A 348 -1.56 -3.46 15.46
C ILE A 348 -1.97 -4.86 15.91
N ASN A 349 -1.14 -5.49 16.76
CA ASN A 349 -1.47 -6.79 17.35
C ASN A 349 -1.78 -6.60 18.83
N VAL A 350 -3.04 -6.84 19.17
N VAL A 350 -3.07 -6.75 19.17
CA VAL A 350 -3.45 -6.84 20.57
CA VAL A 350 -3.48 -6.87 20.56
C VAL A 350 -3.82 -8.27 20.96
C VAL A 350 -3.66 -8.35 20.87
N GLN A 351 -3.32 -8.72 22.11
CA GLN A 351 -3.56 -10.08 22.59
C GLN A 351 -4.99 -10.13 23.12
N SER A 352 -5.53 -11.32 23.37
CA SER A 352 -6.95 -11.43 23.66
C SER A 352 -7.27 -10.72 24.99
N ASN A 353 -6.20 -10.45 25.78
CA ASN A 353 -6.31 -9.85 27.11
C ASN A 353 -6.20 -8.33 27.02
N GLY A 354 -6.02 -7.81 25.80
CA GLY A 354 -5.98 -6.37 25.59
C GLY A 354 -4.56 -5.81 25.55
N ASN A 355 -3.54 -6.66 25.75
CA ASN A 355 -2.15 -6.21 25.75
C ASN A 355 -1.63 -6.04 24.31
N VAL A 356 -1.10 -4.86 23.97
CA VAL A 356 -0.44 -4.69 22.69
C VAL A 356 0.87 -5.48 22.69
N SER A 357 1.05 -6.30 21.65
CA SER A 357 2.32 -7.02 21.52
C SER A 357 3.01 -6.64 20.22
N VAL A 358 2.27 -5.97 19.32
CA VAL A 358 2.88 -5.31 18.17
C VAL A 358 2.18 -3.96 18.06
N GLY A 359 2.95 -2.89 18.26
CA GLY A 359 2.46 -1.52 18.19
C GLY A 359 2.81 -0.87 16.84
N GLN A 360 2.49 0.41 16.72
CA GLN A 360 2.85 1.21 15.56
C GLN A 360 4.37 1.17 15.39
N GLN A 361 4.83 1.30 14.14
CA GLN A 361 6.27 1.30 13.89
C GLN A 361 6.88 2.56 14.50
N ILE A 362 7.95 2.37 15.27
CA ILE A 362 8.68 3.47 15.86
C ILE A 362 9.71 3.89 14.80
N LEU A 363 9.46 5.05 14.20
CA LEU A 363 10.29 5.51 13.10
C LEU A 363 11.34 6.47 13.65
N PRO A 364 12.48 6.70 12.97
CA PRO A 364 13.33 7.80 13.41
C PRO A 364 12.55 9.10 13.39
N ASP A 365 12.87 10.00 14.29
CA ASP A 365 12.11 11.23 14.38
C ASP A 365 12.23 11.93 13.02
N GLY A 366 11.11 12.34 12.41
CA GLY A 366 11.07 13.08 11.16
C GLY A 366 11.44 12.26 9.91
N TYR A 367 11.59 10.95 10.06
CA TYR A 367 11.82 10.06 8.91
C TYR A 367 10.77 10.17 7.80
N ILE A 368 11.25 10.26 6.54
CA ILE A 368 10.41 10.21 5.35
C ILE A 368 11.08 9.19 4.44
N ASN A 369 10.37 8.11 4.11
CA ASN A 369 10.90 7.19 3.10
C ASN A 369 11.01 7.95 1.78
N MET A 370 12.12 7.79 1.05
CA MET A 370 12.37 8.61 -0.13
C MET A 370 11.26 8.46 -1.20
N ALA A 371 10.61 7.28 -1.29
CA ALA A 371 9.56 7.09 -2.27
C ALA A 371 8.33 7.97 -2.01
N GLU A 372 8.23 8.53 -0.80
CA GLU A 372 7.11 9.38 -0.43
C GLU A 372 7.34 10.79 -0.98
N LEU A 373 8.59 11.10 -1.38
CA LEU A 373 8.92 12.43 -1.86
C LEU A 373 8.67 12.51 -3.37
N PRO A 374 8.41 13.72 -3.93
CA PRO A 374 8.29 13.90 -5.36
C PRO A 374 9.67 13.93 -6.02
N GLY A 375 9.70 13.66 -7.33
CA GLY A 375 10.95 13.68 -8.07
C GLY A 375 10.65 13.64 -9.55
N ASN A 376 11.63 13.97 -10.39
CA ASN A 376 11.33 14.08 -11.81
C ASN A 376 11.64 12.78 -12.55
N THR A 377 12.22 11.80 -11.86
CA THR A 377 12.60 10.56 -12.55
C THR A 377 11.92 9.36 -11.89
N ARG A 378 11.48 8.40 -12.72
CA ARG A 378 10.94 7.15 -12.23
C ARG A 378 12.09 6.32 -11.66
N LEU A 379 11.95 5.96 -10.39
CA LEU A 379 12.99 5.25 -9.66
C LEU A 379 12.30 4.08 -8.98
N PRO A 380 12.45 2.85 -9.52
CA PRO A 380 11.79 1.71 -8.91
C PRO A 380 12.29 1.43 -7.49
N SER A 381 11.34 1.13 -6.61
CA SER A 381 11.72 0.73 -5.27
C SER A 381 12.16 -0.73 -5.31
N GLU A 382 13.00 -1.11 -4.36
CA GLU A 382 13.39 -2.50 -4.18
C GLU A 382 13.52 -2.83 -2.70
N TYR A 383 13.57 -4.14 -2.45
CA TYR A 383 13.65 -4.66 -1.10
C TYR A 383 15.09 -4.61 -0.59
N ASP A 384 15.21 -4.08 0.64
CA ASP A 384 16.40 -4.22 1.44
C ASP A 384 15.95 -4.45 2.89
N ALA A 385 16.35 -5.61 3.43
CA ALA A 385 16.03 -6.08 4.76
C ALA A 385 16.36 -5.02 5.81
N ASP A 386 17.37 -4.19 5.52
CA ASP A 386 17.90 -3.27 6.51
C ASP A 386 17.38 -1.86 6.26
N GLY A 387 16.52 -1.70 5.26
CA GLY A 387 15.90 -0.40 5.09
C GLY A 387 14.85 -0.20 6.17
N GLU A 388 14.67 1.06 6.59
CA GLU A 388 13.72 1.39 7.66
C GLU A 388 12.35 0.76 7.39
N THR A 389 11.90 0.77 6.13
CA THR A 389 10.59 0.21 5.81
C THR A 389 10.75 -1.06 4.97
N THR A 390 12.00 -1.52 4.77
CA THR A 390 12.38 -2.56 3.82
C THR A 390 12.30 -2.10 2.37
N SER A 391 11.83 -0.86 2.12
CA SER A 391 11.69 -0.43 0.74
C SER A 391 12.59 0.78 0.45
N VAL A 392 13.38 0.67 -0.61
CA VAL A 392 14.42 1.66 -0.86
C VAL A 392 14.46 1.98 -2.35
N LEU A 393 14.89 3.20 -2.67
CA LEU A 393 15.02 3.61 -4.06
C LEU A 393 16.40 3.21 -4.59
N ARG A 394 16.45 2.78 -5.85
CA ARG A 394 17.71 2.65 -6.55
C ARG A 394 17.88 3.83 -7.51
N VAL A 395 18.96 4.58 -7.31
CA VAL A 395 19.12 5.80 -8.06
C VAL A 395 20.44 5.68 -8.81
N PRO A 396 20.40 5.53 -10.16
CA PRO A 396 21.63 5.44 -10.93
C PRO A 396 22.41 6.75 -10.98
N ALA A 397 23.62 6.66 -11.54
CA ALA A 397 24.52 7.79 -11.69
C ALA A 397 23.80 8.94 -12.42
N ASN A 398 24.17 10.19 -12.05
CA ASN A 398 23.79 11.36 -12.82
C ASN A 398 22.26 11.49 -12.84
N THR A 399 21.61 11.16 -11.72
CA THR A 399 20.15 11.10 -11.70
C THR A 399 19.68 11.76 -10.40
N GLN A 400 18.55 12.49 -10.46
CA GLN A 400 18.01 13.05 -9.23
C GLN A 400 17.48 11.93 -8.34
N VAL A 401 17.70 12.03 -7.02
CA VAL A 401 17.07 11.14 -6.05
C VAL A 401 15.61 11.58 -5.88
N ARG A 402 15.41 12.74 -5.22
CA ARG A 402 14.11 13.39 -4.99
C ARG A 402 14.37 14.88 -4.81
N GLN A 403 13.33 15.71 -5.01
CA GLN A 403 13.39 17.15 -4.81
C GLN A 403 12.11 17.56 -4.09
N TRP A 404 12.23 18.41 -3.05
CA TRP A 404 11.08 18.82 -2.27
C TRP A 404 11.08 20.33 -2.05
N SER A 405 9.90 20.87 -1.70
CA SER A 405 9.74 22.29 -1.35
C SER A 405 10.22 22.59 0.06
N VAL A 406 10.93 23.71 0.22
CA VAL A 406 11.35 24.13 1.55
C VAL A 406 10.15 24.81 2.21
N PRO A 407 9.78 24.44 3.45
CA PRO A 407 8.75 25.17 4.20
C PRO A 407 8.95 26.68 4.19
N LYS A 408 7.84 27.42 4.18
N LYS A 408 7.86 27.45 4.02
N LYS A 408 7.86 27.44 4.02
CA LYS A 408 7.86 28.87 4.12
CA LYS A 408 7.97 28.90 3.92
CA LYS A 408 7.91 28.89 3.96
C LYS A 408 8.37 29.45 5.45
C LYS A 408 8.54 29.47 5.24
C LYS A 408 8.43 29.43 5.30
N MET A 409 8.16 28.74 6.55
N MET A 409 8.11 28.87 6.39
CA MET A 409 8.64 29.26 7.83
CA MET A 409 8.64 29.28 7.73
C MET A 409 10.17 29.22 7.89
C MET A 409 10.16 29.40 7.67
N TYR A 410 10.80 28.40 7.05
CA TYR A 410 12.25 28.28 7.15
C TYR A 410 12.95 29.27 6.22
N LYS A 411 12.23 29.80 5.22
CA LYS A 411 12.86 30.69 4.25
C LYS A 411 12.79 32.12 4.76
N ASP A 412 13.46 32.41 5.89
CA ASP A 412 13.43 33.75 6.44
C ASP A 412 14.83 34.31 6.47
N GLY A 413 15.78 33.60 5.82
CA GLY A 413 17.20 34.01 5.76
C GLY A 413 17.90 33.76 7.10
N LEU A 414 17.17 33.18 8.07
CA LEU A 414 17.73 33.08 9.42
C LEU A 414 17.54 31.67 9.97
N THR A 415 17.44 30.69 9.08
CA THR A 415 17.23 29.33 9.53
C THR A 415 18.25 28.44 8.83
N VAL A 416 19.05 27.74 9.65
CA VAL A 416 19.93 26.67 9.18
C VAL A 416 19.08 25.39 9.16
N THR A 417 19.23 24.59 8.10
CA THR A 417 18.53 23.32 8.05
C THR A 417 19.57 22.23 7.78
N LYS A 418 19.15 20.98 7.98
CA LYS A 418 20.05 19.85 7.81
C LYS A 418 19.24 18.72 7.22
N VAL A 419 19.82 18.06 6.25
CA VAL A 419 19.31 16.85 5.63
C VAL A 419 20.18 15.69 6.13
N THR A 420 19.54 14.67 6.69
CA THR A 420 20.25 13.43 6.97
C THR A 420 19.59 12.37 6.09
N VAL A 421 20.40 11.74 5.24
CA VAL A 421 19.87 10.69 4.36
C VAL A 421 20.60 9.37 4.60
N ARG A 422 19.79 8.32 4.76
CA ARG A 422 20.32 6.98 4.93
C ARG A 422 20.46 6.30 3.55
N ALA A 423 21.70 5.96 3.20
CA ALA A 423 22.03 5.53 1.84
C ALA A 423 23.06 4.40 1.88
N LYS A 424 23.06 3.60 0.80
CA LYS A 424 24.01 2.52 0.60
C LYS A 424 24.46 2.54 -0.86
N GLY A 425 25.77 2.58 -1.10
CA GLY A 425 26.25 2.47 -2.46
C GLY A 425 26.13 1.03 -2.95
N ALA A 426 25.61 0.86 -4.19
CA ALA A 426 25.50 -0.47 -4.79
C ALA A 426 26.89 -1.00 -5.09
N ALA A 427 27.83 -0.08 -5.22
CA ALA A 427 29.21 -0.32 -5.58
C ALA A 427 29.96 0.96 -5.23
N ALA A 428 31.29 0.93 -5.37
CA ALA A 428 32.12 2.08 -5.15
C ALA A 428 31.74 3.16 -6.15
N GLY A 429 31.66 4.40 -5.68
CA GLY A 429 31.75 5.56 -6.56
C GLY A 429 30.47 6.38 -6.58
N ALA A 430 29.44 5.94 -5.84
CA ALA A 430 28.23 6.75 -5.68
C ALA A 430 28.57 8.00 -4.88
N ILE A 431 27.96 9.12 -5.30
CA ILE A 431 28.11 10.37 -4.57
C ILE A 431 26.71 10.97 -4.46
N LEU A 432 26.33 11.42 -3.27
CA LEU A 432 25.14 12.23 -3.15
C LEU A 432 25.53 13.69 -3.08
N SER A 433 24.86 14.52 -3.88
CA SER A 433 24.96 15.96 -3.76
C SER A 433 23.61 16.49 -3.29
N LEU A 434 23.65 17.39 -2.30
CA LEU A 434 22.50 18.19 -1.97
C LEU A 434 22.61 19.51 -2.76
N GLN A 435 21.50 19.92 -3.37
CA GLN A 435 21.56 21.04 -4.27
C GLN A 435 20.36 21.92 -4.05
N SER A 436 20.55 23.21 -4.33
CA SER A 436 19.43 24.11 -4.53
C SER A 436 19.31 24.38 -6.03
N GLY A 437 18.40 23.69 -6.71
CA GLY A 437 18.40 23.81 -8.17
C GLY A 437 19.70 23.23 -8.70
N SER A 438 20.38 23.95 -9.61
CA SER A 438 21.62 23.38 -10.09
C SER A 438 22.82 23.78 -9.23
N THR A 439 22.60 24.57 -8.18
CA THR A 439 23.69 24.96 -7.28
C THR A 439 24.00 23.82 -6.31
N VAL A 440 25.26 23.43 -6.26
CA VAL A 440 25.65 22.30 -5.43
C VAL A 440 26.00 22.85 -4.04
N LEU A 441 25.34 22.35 -3.00
CA LEU A 441 25.56 22.86 -1.65
C LEU A 441 26.67 22.06 -0.96
N SER A 442 26.61 20.73 -1.12
N SER A 442 26.54 20.75 -1.02
CA SER A 442 27.35 19.76 -0.31
CA SER A 442 27.61 19.91 -0.49
C SER A 442 27.48 18.45 -1.07
C SER A 442 27.32 18.51 -0.97
N THR A 443 28.54 17.67 -0.79
N THR A 443 28.41 17.73 -1.02
CA THR A 443 28.60 16.34 -1.38
CA THR A 443 28.37 16.41 -1.60
C THR A 443 29.08 15.37 -0.32
C THR A 443 29.16 15.48 -0.68
N LYS A 444 28.65 14.11 -0.46
N LYS A 444 28.71 14.23 -0.63
CA LYS A 444 29.15 13.05 0.38
CA LYS A 444 29.24 13.21 0.25
C LYS A 444 29.41 11.85 -0.52
C LYS A 444 29.46 11.94 -0.57
N SER A 445 30.64 11.32 -0.42
CA SER A 445 30.95 10.05 -1.05
C SER A 445 30.19 8.97 -0.30
N ILE A 446 29.59 8.01 -1.02
CA ILE A 446 28.77 7.01 -0.38
C ILE A 446 29.52 5.68 -0.31
N ASP A 447 29.62 5.12 0.90
CA ASP A 447 30.29 3.83 1.09
C ASP A 447 29.47 2.71 0.48
N ALA A 448 30.15 1.87 -0.30
CA ALA A 448 29.55 0.69 -0.91
C ALA A 448 29.17 -0.32 0.17
N GLY A 449 27.97 -0.86 0.07
CA GLY A 449 27.71 -2.15 0.69
C GLY A 449 27.20 -2.03 2.12
N VAL A 450 27.07 -0.80 2.61
CA VAL A 450 26.57 -0.61 3.97
C VAL A 450 25.58 0.54 4.01
N TRP A 451 24.67 0.49 4.98
CA TRP A 451 23.83 1.65 5.28
C TRP A 451 24.58 2.62 6.19
N LYS A 452 24.56 3.89 5.81
CA LYS A 452 25.18 4.94 6.61
C LYS A 452 24.32 6.20 6.50
N ASN A 453 24.43 7.08 7.51
CA ASN A 453 23.68 8.34 7.56
C ASN A 453 24.58 9.46 7.03
N TYR A 454 24.11 10.13 5.99
CA TYR A 454 24.89 11.19 5.36
C TYR A 454 24.23 12.52 5.67
N VAL A 455 25.05 13.45 6.17
CA VAL A 455 24.54 14.67 6.78
C VAL A 455 24.92 15.84 5.89
N PHE A 456 23.93 16.68 5.60
CA PHE A 456 24.18 17.82 4.74
C PHE A 456 23.55 19.02 5.43
N TYR A 457 24.34 20.09 5.60
CA TYR A 457 23.83 21.28 6.24
C TYR A 457 23.58 22.30 5.17
N VAL A 458 22.49 23.06 5.35
CA VAL A 458 22.21 24.17 4.46
C VAL A 458 22.38 25.45 5.24
N LYS A 459 23.42 26.23 4.89
CA LYS A 459 23.57 27.51 5.58
C LYS A 459 22.35 28.40 5.36
N ALA A 460 22.10 29.33 6.30
CA ALA A 460 20.87 30.11 6.24
C ALA A 460 20.78 30.93 4.95
N ASN A 461 21.93 31.29 4.35
CA ASN A 461 21.95 32.15 3.18
C ASN A 461 21.88 31.34 1.90
N GLN A 462 21.74 30.01 2.01
CA GLN A 462 21.73 29.14 0.84
C GLN A 462 20.35 28.58 0.56
N LEU A 463 19.44 28.73 1.51
CA LEU A 463 18.12 28.08 1.44
C LEU A 463 17.23 28.93 0.55
N GLN A 464 16.58 28.26 -0.41
CA GLN A 464 15.68 28.89 -1.35
C GLN A 464 14.38 28.08 -1.39
N GLU A 465 13.88 27.87 -2.60
N GLU A 465 13.78 27.96 -2.58
CA GLU A 465 12.51 27.46 -2.84
CA GLU A 465 12.43 27.43 -2.70
C GLU A 465 12.41 25.94 -2.70
C GLU A 465 12.42 25.91 -2.62
N THR A 466 13.46 25.25 -3.14
CA THR A 466 13.46 23.80 -3.22
C THR A 466 14.86 23.28 -2.86
N LEU A 467 14.90 22.01 -2.49
CA LEU A 467 16.14 21.29 -2.34
C LEU A 467 16.00 19.96 -3.08
N GLN A 468 17.13 19.47 -3.58
CA GLN A 468 17.14 18.15 -4.20
C GLN A 468 18.40 17.40 -3.76
N LEU A 469 18.29 16.06 -3.72
CA LEU A 469 19.44 15.18 -3.65
C LEU A 469 19.61 14.57 -5.04
N ARG A 470 20.87 14.46 -5.46
CA ARG A 470 21.18 13.85 -6.73
C ARG A 470 22.35 12.89 -6.57
N ASN A 471 22.28 11.78 -7.30
CA ASN A 471 23.46 10.92 -7.40
C ASN A 471 24.39 11.55 -8.42
N THR A 472 25.53 12.09 -7.96
CA THR A 472 26.44 12.73 -8.89
C THR A 472 27.69 11.88 -9.09
N GLY A 473 27.57 10.60 -8.70
CA GLY A 473 28.69 9.67 -8.74
C GLY A 473 28.62 8.80 -9.99
N THR A 474 29.25 7.63 -9.91
CA THR A 474 29.34 6.77 -11.10
C THR A 474 28.69 5.42 -10.87
N ALA A 475 28.25 5.14 -9.64
CA ALA A 475 27.54 3.91 -9.32
C ALA A 475 26.14 4.26 -8.80
N ASP A 476 25.28 3.26 -8.73
CA ASP A 476 23.94 3.31 -8.17
C ASP A 476 24.07 3.57 -6.66
N VAL A 477 23.12 4.36 -6.14
CA VAL A 477 22.98 4.51 -4.69
C VAL A 477 21.59 4.01 -4.30
N LEU A 478 21.48 3.29 -3.18
CA LEU A 478 20.15 2.94 -2.68
C LEU A 478 19.79 3.97 -1.61
N ALA A 479 18.62 4.56 -1.75
CA ALA A 479 18.23 5.65 -0.86
C ALA A 479 17.10 5.16 0.01
N ASP A 480 17.28 5.15 1.33
CA ASP A 480 16.23 4.64 2.19
C ASP A 480 15.20 5.76 2.47
N GLY A 481 15.60 6.68 3.35
CA GLY A 481 14.76 7.79 3.77
C GLY A 481 15.65 8.91 4.29
N MET A 482 15.00 9.99 4.71
CA MET A 482 15.76 11.14 5.13
C MET A 482 14.99 11.81 6.25
N VAL A 483 15.75 12.67 6.93
CA VAL A 483 15.23 13.60 7.88
C VAL A 483 15.67 14.99 7.43
N PHE A 484 14.70 15.89 7.34
CA PHE A 484 14.99 17.25 6.90
C PHE A 484 14.28 18.21 7.83
N GLY A 485 15.03 19.20 8.33
CA GLY A 485 14.33 20.11 9.22
C GLY A 485 15.30 21.19 9.68
N LYS A 486 14.76 22.15 10.41
CA LYS A 486 15.57 23.22 11.01
C LYS A 486 16.48 22.64 12.09
N VAL A 487 17.63 23.29 12.27
CA VAL A 487 18.53 22.96 13.35
C VAL A 487 18.97 24.25 14.03
N ASP A 488 19.38 24.17 15.28
CA ASP A 488 19.68 25.39 16.02
C ASP A 488 21.19 25.53 16.19
N TYR A 489 21.94 24.76 15.41
CA TYR A 489 23.39 24.89 15.44
C TYR A 489 23.96 24.35 14.15
N ILE A 490 25.26 24.61 13.92
CA ILE A 490 25.92 24.00 12.77
C ILE A 490 27.32 23.67 13.22
N ASP A 491 27.85 22.50 12.85
CA ASP A 491 29.22 22.14 13.25
C ASP A 491 30.19 22.75 12.24
N TRP A 492 31.37 23.15 12.71
CA TRP A 492 32.28 23.85 11.84
C TRP A 492 33.72 23.46 12.19
N ASP A 493 34.54 23.17 11.17
CA ASP A 493 35.88 22.70 11.42
C ASP A 493 36.80 23.48 10.48
N PHE A 494 37.94 23.93 10.96
CA PHE A 494 38.77 24.81 10.13
C PHE A 494 40.25 24.59 10.40
N ALA A 495 41.06 25.04 9.43
CA ALA A 495 42.50 24.81 9.49
C ALA A 495 43.14 25.79 10.48
N ILE A 496 44.10 25.25 11.26
CA ILE A 496 44.96 26.08 12.11
C ILE A 496 46.41 25.62 11.94
N ALA A 497 47.35 26.46 12.39
CA ALA A 497 48.78 26.16 12.28
C ALA A 497 49.52 26.83 13.42
N PRO A 498 49.30 26.40 14.68
CA PRO A 498 49.90 27.07 15.83
C PRO A 498 51.42 26.90 15.87
N GLY A 499 51.90 25.79 15.31
CA GLY A 499 53.33 25.64 15.20
C GLY A 499 54.01 25.38 16.54
N THR A 500 55.25 25.88 16.64
CA THR A 500 56.00 25.78 17.88
C THR A 500 55.92 27.13 18.57
N LEU A 501 55.47 27.15 19.83
CA LEU A 501 55.35 28.39 20.61
C LEU A 501 56.40 28.44 21.71
N ALA A 502 57.10 29.60 21.78
CA ALA A 502 58.00 29.91 22.89
C ALA A 502 57.17 30.05 24.17
N ALA A 503 57.85 29.95 25.32
CA ALA A 503 57.20 30.21 26.60
C ALA A 503 56.40 31.50 26.54
N GLY A 504 55.14 31.38 26.95
CA GLY A 504 54.23 32.52 27.06
C GLY A 504 53.69 32.99 25.71
N ALA A 505 54.12 32.40 24.59
CA ALA A 505 53.71 32.92 23.28
C ALA A 505 52.33 32.39 22.94
N LYS A 506 51.62 33.10 22.05
CA LYS A 506 50.28 32.64 21.74
C LYS A 506 50.09 32.70 20.22
N TYR A 507 49.16 31.87 19.77
CA TYR A 507 48.74 31.87 18.37
C TYR A 507 47.25 32.14 18.31
N THR A 508 46.89 32.94 17.32
CA THR A 508 45.49 33.29 17.08
C THR A 508 45.15 32.69 15.71
N THR A 509 44.05 31.94 15.66
N THR A 509 44.04 31.96 15.66
CA THR A 509 43.59 31.28 14.44
CA THR A 509 43.62 31.30 14.44
C THR A 509 43.12 32.35 13.49
C THR A 509 43.14 32.37 13.48
N PRO A 510 42.99 32.03 12.18
CA PRO A 510 42.32 32.91 11.25
C PRO A 510 40.91 33.14 11.76
N ASN A 511 40.35 34.24 11.29
CA ASN A 511 39.00 34.61 11.62
C ASN A 511 38.03 33.59 11.04
N GLN A 512 37.00 33.27 11.82
CA GLN A 512 35.93 32.37 11.44
C GLN A 512 34.67 33.23 11.27
N SER A 513 34.40 33.67 10.02
CA SER A 513 33.30 34.59 9.76
C SER A 513 31.95 33.87 9.94
N TYR A 514 30.97 34.54 10.59
CA TYR A 514 29.64 33.95 10.67
C TYR A 514 29.10 33.59 9.27
N LEU A 515 29.54 34.31 8.25
N LEU A 515 29.57 34.30 8.25
CA LEU A 515 29.05 34.07 6.89
CA LEU A 515 29.09 34.11 6.90
C LEU A 515 29.46 32.66 6.46
C LEU A 515 29.48 32.71 6.42
N ASP A 516 30.70 32.29 6.79
CA ASP A 516 31.14 30.97 6.41
C ASP A 516 30.62 29.87 7.33
N VAL A 517 30.53 30.18 8.62
CA VAL A 517 30.13 29.22 9.61
C VAL A 517 28.67 28.80 9.45
N ALA A 518 27.80 29.80 9.38
CA ALA A 518 26.37 29.50 9.41
C ALA A 518 25.62 30.17 8.27
N GLY A 519 26.25 31.15 7.61
CA GLY A 519 25.47 31.92 6.65
C GLY A 519 24.55 32.93 7.31
N MET A 520 24.72 33.18 8.62
CA MET A 520 23.86 34.11 9.35
C MET A 520 24.56 34.31 10.71
N ARG A 521 24.07 35.28 11.45
CA ARG A 521 24.58 35.60 12.77
C ARG A 521 24.78 34.30 13.55
N VAL A 522 25.94 34.24 14.22
CA VAL A 522 26.21 33.14 15.13
C VAL A 522 25.97 33.59 16.56
N GLN A 523 25.11 32.87 17.30
CA GLN A 523 24.72 33.28 18.63
C GLN A 523 25.90 33.02 19.60
N ALA A 524 26.52 31.82 19.48
CA ALA A 524 27.65 31.49 20.34
C ALA A 524 28.36 30.29 19.75
N VAL A 525 29.44 29.83 20.40
CA VAL A 525 30.08 28.62 19.98
C VAL A 525 30.36 27.77 21.22
N SER A 526 30.67 26.50 20.98
CA SER A 526 31.08 25.61 22.05
C SER A 526 32.52 25.92 22.41
N ILE A 527 33.00 25.30 23.48
CA ILE A 527 34.45 25.21 23.61
C ILE A 527 35.02 24.63 22.30
N PRO A 528 36.22 25.08 21.84
CA PRO A 528 36.84 24.47 20.66
C PRO A 528 37.50 23.15 20.98
N MET A 529 37.33 22.17 20.08
N MET A 529 37.35 22.19 20.06
CA MET A 529 38.10 20.95 20.12
CA MET A 529 38.10 20.95 20.08
C MET A 529 38.98 20.86 18.87
C MET A 529 39.02 20.88 18.87
N PHE A 530 39.79 19.80 18.77
CA PHE A 530 40.93 19.80 17.86
C PHE A 530 41.15 18.40 17.29
N ASP A 531 42.04 18.32 16.30
CA ASP A 531 42.35 17.03 15.71
C ASP A 531 43.51 16.35 16.42
N GLY A 532 43.68 16.61 17.73
CA GLY A 532 44.79 16.01 18.43
C GLY A 532 44.85 16.64 19.81
N PRO A 533 45.80 16.26 20.67
CA PRO A 533 45.86 16.82 22.01
C PRO A 533 46.35 18.27 21.96
N THR A 534 45.80 19.12 22.82
CA THR A 534 46.29 20.48 23.00
C THR A 534 46.89 20.70 24.39
N THR A 535 47.57 19.68 24.92
N THR A 535 47.58 19.68 24.91
CA THR A 535 48.24 19.74 26.21
CA THR A 535 48.26 19.77 26.20
C THR A 535 49.08 21.02 26.34
C THR A 535 49.06 21.07 26.30
N GLY A 536 48.86 21.75 27.44
CA GLY A 536 49.64 22.94 27.75
C GLY A 536 49.13 24.21 27.08
N LEU A 537 48.10 24.10 26.22
CA LEU A 537 47.58 25.30 25.56
C LEU A 537 46.37 25.84 26.31
N GLN A 538 46.50 27.08 26.77
CA GLN A 538 45.33 27.73 27.34
C GLN A 538 44.57 28.32 26.16
N VAL A 539 43.29 27.99 26.03
CA VAL A 539 42.52 28.33 24.85
C VAL A 539 41.35 29.19 25.25
N TRP A 540 41.11 30.27 24.49
CA TRP A 540 39.87 31.00 24.67
C TRP A 540 39.45 31.50 23.28
N VAL A 541 38.28 32.11 23.23
CA VAL A 541 37.73 32.65 22.00
C VAL A 541 37.54 34.15 22.16
N GLU A 542 37.94 34.87 21.11
CA GLU A 542 37.69 36.29 21.01
C GLU A 542 36.70 36.51 19.88
N ALA A 543 35.64 37.25 20.21
CA ALA A 543 34.72 37.74 19.19
C ALA A 543 35.47 38.74 18.32
N THR A 544 35.17 38.71 17.01
CA THR A 544 35.77 39.67 16.11
C THR A 544 34.66 40.53 15.56
N SER A 545 33.39 40.16 15.80
CA SER A 545 32.33 41.10 15.46
C SER A 545 31.10 40.76 16.30
N ALA A 546 30.12 41.68 16.27
CA ALA A 546 28.87 41.51 17.00
C ALA A 546 28.10 40.32 16.43
N ASN A 547 28.35 39.96 15.17
CA ASN A 547 27.58 38.91 14.53
C ASN A 547 28.14 37.50 14.78
N GLY A 548 29.09 37.35 15.72
CA GLY A 548 29.44 36.01 16.14
C GLY A 548 30.66 35.49 15.38
N SER A 549 31.35 36.35 14.60
CA SER A 549 32.60 35.87 14.02
C SER A 549 33.60 35.78 15.16
N PHE A 550 34.64 34.96 15.00
CA PHE A 550 35.50 34.73 16.16
C PHE A 550 36.83 34.18 15.68
N VAL A 551 37.81 34.32 16.59
CA VAL A 551 39.08 33.63 16.47
C VAL A 551 39.24 32.80 17.73
N VAL A 552 40.10 31.81 17.64
CA VAL A 552 40.47 31.08 18.84
C VAL A 552 41.91 31.44 19.15
N VAL A 553 42.20 31.68 20.45
CA VAL A 553 43.56 32.02 20.86
C VAL A 553 44.11 30.84 21.63
N MET A 554 45.38 30.49 21.36
CA MET A 554 45.97 29.32 21.95
C MET A 554 47.28 29.80 22.53
N LYS A 555 47.37 29.79 23.85
CA LYS A 555 48.55 30.37 24.49
C LYS A 555 49.32 29.26 25.21
N ASN A 556 50.64 29.28 25.04
CA ASN A 556 51.52 28.32 25.66
C ASN A 556 51.63 28.66 27.15
N ASP A 557 51.04 27.79 27.97
CA ASP A 557 50.97 28.05 29.40
C ASP A 557 51.97 27.15 30.11
N THR A 558 52.90 26.55 29.35
CA THR A 558 53.80 25.59 30.00
C THR A 558 55.06 26.22 30.59
N GLY A 559 55.48 27.41 30.15
CA GLY A 559 56.75 27.87 30.72
C GLY A 559 58.01 27.48 29.93
N SER A 560 57.87 26.62 28.92
CA SER A 560 58.96 26.34 27.99
C SER A 560 58.41 26.10 26.60
N GLU A 561 59.30 25.91 25.61
CA GLU A 561 58.89 25.78 24.21
C GLU A 561 57.87 24.64 24.08
N LEU A 562 56.80 24.91 23.34
CA LEU A 562 55.81 23.89 23.13
C LEU A 562 55.64 23.68 21.63
N VAL A 563 55.96 22.47 21.19
CA VAL A 563 55.69 22.10 19.81
C VAL A 563 54.27 21.51 19.75
N THR A 564 53.32 22.27 19.18
CA THR A 564 51.94 21.83 19.07
C THR A 564 51.86 20.80 17.95
N THR A 565 50.78 20.01 17.93
CA THR A 565 50.60 19.00 16.90
C THR A 565 49.30 19.20 16.12
N VAL A 566 48.41 20.05 16.60
CA VAL A 566 47.11 20.10 15.96
C VAL A 566 47.12 20.92 14.69
N THR A 567 46.21 20.56 13.76
CA THR A 567 46.14 21.27 12.49
C THR A 567 44.70 21.62 12.17
N ARG A 568 43.75 21.15 13.00
CA ARG A 568 42.36 21.53 12.79
C ARG A 568 41.73 21.87 14.13
N CYS A 569 40.80 22.82 14.06
CA CYS A 569 40.01 23.19 15.23
C CYS A 569 38.54 22.99 14.83
N ARG A 570 37.66 22.66 15.79
CA ARG A 570 36.26 22.57 15.44
C ARG A 570 35.43 23.10 16.60
N VAL A 571 34.22 23.57 16.25
CA VAL A 571 33.26 23.99 17.26
C VAL A 571 31.90 23.52 16.82
N ARG A 572 30.94 23.56 17.75
N ARG A 572 30.97 23.50 17.78
CA ARG A 572 29.53 23.60 17.40
CA ARG A 572 29.60 23.62 17.39
C ARG A 572 29.08 25.05 17.53
C ARG A 572 29.24 25.10 17.48
N ALA A 573 28.61 25.64 16.42
CA ALA A 573 28.21 27.03 16.42
C ALA A 573 26.70 27.10 16.58
N PHE A 574 26.24 27.88 17.56
CA PHE A 574 24.81 27.92 17.83
C PHE A 574 24.20 29.11 17.10
N VAL A 575 22.95 28.94 16.63
CA VAL A 575 22.35 29.98 15.85
C VAL A 575 20.99 30.24 16.47
N SER A 576 20.62 31.50 16.41
CA SER A 576 19.29 31.86 16.85
C SER A 576 18.69 32.74 15.76
N LYS A 577 18.24 33.93 16.05
CA LYS A 577 17.71 34.70 14.92
C LYS A 577 18.70 35.79 14.45
N GLY A 578 18.14 36.96 14.10
CA GLY A 578 18.92 38.19 13.93
C GLY A 578 19.37 38.79 15.27
N HIS A 579 19.93 40.01 15.16
CA HIS A 579 20.78 40.65 16.16
C HIS A 579 20.02 41.03 17.43
N HIS A 580 18.74 41.40 17.29
CA HIS A 580 17.87 41.64 18.43
C HIS A 580 17.35 40.28 18.94
#